data_8F51
#
_entry.id   8F51
#
_cell.length_a   175.313
_cell.length_b   175.313
_cell.length_c   123.308
_cell.angle_alpha   90.00
_cell.angle_beta   90.00
_cell.angle_gamma   120.00
#
_symmetry.space_group_name_H-M   'H 3 2'
#
loop_
_entity.id
_entity.type
_entity.pdbx_description
1 polymer 'N-acetyltransferase Eis'
2 non-polymer Mefloquine
3 non-polymer 'DIMETHYL SULFOXIDE'
4 non-polymer DI(HYDROXYETHYL)ETHER
5 non-polymer GLYCEROL
6 water water
#
_entity_poly.entity_id   1
_entity_poly.type   'polypeptide(L)'
_entity_poly.pdbx_seq_one_letter_code
;MGSSHHHHHHSSGLVPRGSHMTVTLCSPTEDDWPGMFLLAAASFTDFIGPESATAWRTLVPTDGAVVVRDGAGPGSEVVG
MALYMDLRLTVPGEVVLPTAGLSFVAVAPTHRRRGLLRAMCAELHRRIADSGYPVAALHASEGGIYGRFGYGPATTLHEL
TVDRRFARFHADAPGGGLGGSSVRLVRPTEHRGEFEAIYERWRQQVPGGLLRPQVLWDELLAEAKAAPGGDRESFALLHP
DGYALYRVDRTDLKLARVSELRAVTADAHCALWRALIGLDSMERISIITHPQDPLPHLLTDTRLARTTWRQDGLWLRIMN
VPAALEARGYAHEVGEFSTVLEVSDGGRFALKIGDGRARCTPTDAAAEIEMDRDVLGSLYLGAHRASTLAAANRLRTKDS
QLLRRLDAAFASDVPVQTAFEF
;
_entity_poly.pdbx_strand_id   A
#
# COMPACT_ATOMS: atom_id res chain seq x y z
N VAL A 23 4.37 23.71 24.73
CA VAL A 23 4.07 22.87 23.52
C VAL A 23 5.37 22.66 22.75
N THR A 24 6.19 21.70 23.20
CA THR A 24 7.54 21.38 22.65
C THR A 24 7.45 20.09 21.82
N LEU A 25 8.31 19.94 20.80
CA LEU A 25 8.34 18.78 19.88
C LEU A 25 9.71 18.12 19.99
N CYS A 26 9.77 16.86 20.42
CA CYS A 26 11.01 16.10 20.70
C CYS A 26 10.86 14.63 20.28
N SER A 27 11.99 13.96 20.12
CA SER A 27 12.08 12.47 20.17
C SER A 27 11.61 11.98 21.53
N PRO A 28 10.76 10.95 21.60
CA PRO A 28 10.34 10.46 22.91
C PRO A 28 11.51 9.83 23.68
N THR A 29 11.43 9.92 25.02
CA THR A 29 12.25 9.16 25.99
C THR A 29 11.43 7.97 26.44
N GLU A 30 12.02 7.02 27.14
CA GLU A 30 11.30 5.82 27.65
C GLU A 30 10.07 6.25 28.46
N ASP A 31 10.16 7.35 29.21
CA ASP A 31 9.10 7.87 30.10
C ASP A 31 7.90 8.39 29.28
N ASP A 32 8.10 8.66 28.00
CA ASP A 32 7.02 9.19 27.12
C ASP A 32 6.10 8.06 26.62
N TRP A 33 6.57 6.80 26.60
CA TRP A 33 5.88 5.71 25.87
C TRP A 33 4.53 5.37 26.50
N PRO A 34 4.35 5.31 27.82
CA PRO A 34 3.01 5.09 28.39
C PRO A 34 1.97 6.14 27.92
N GLY A 35 2.33 7.44 27.92
CA GLY A 35 1.49 8.53 27.38
C GLY A 35 1.14 8.32 25.91
N MET A 36 2.04 7.71 25.13
CA MET A 36 1.87 7.42 23.68
C MET A 36 0.87 6.27 23.51
N PHE A 37 1.01 5.20 24.30
CA PHE A 37 0.09 4.04 24.27
C PHE A 37 -1.31 4.47 24.74
N LEU A 38 -1.42 5.41 25.69
CA LEU A 38 -2.72 5.97 26.09
C LEU A 38 -3.34 6.69 24.88
N LEU A 39 -2.62 7.62 24.27
CA LEU A 39 -3.16 8.35 23.10
C LEU A 39 -3.50 7.35 21.97
N ALA A 40 -2.73 6.26 21.84
CA ALA A 40 -2.96 5.21 20.82
C ALA A 40 -4.31 4.53 21.08
N ALA A 41 -4.50 4.01 22.28
CA ALA A 41 -5.76 3.35 22.69
C ALA A 41 -6.98 4.25 22.38
N ALA A 42 -6.85 5.57 22.56
CA ALA A 42 -7.97 6.53 22.44
C ALA A 42 -8.15 6.91 20.99
N SER A 43 -7.14 6.70 20.14
CA SER A 43 -7.12 7.25 18.76
C SER A 43 -7.41 6.15 17.74
N PHE A 44 -7.04 4.91 18.05
CA PHE A 44 -7.05 3.76 17.10
C PHE A 44 -7.93 2.64 17.67
N THR A 45 -8.91 2.17 16.89
CA THR A 45 -9.90 1.14 17.35
C THR A 45 -9.32 -0.26 17.13
N ASP A 46 -8.46 -0.43 16.12
CA ASP A 46 -7.73 -1.70 15.82
C ASP A 46 -6.81 -2.09 17.01
N PHE A 47 -6.55 -1.16 17.94
CA PHE A 47 -5.39 -1.18 18.90
C PHE A 47 -5.53 -2.31 19.92
N ILE A 48 -4.61 -3.28 19.86
CA ILE A 48 -4.52 -4.47 20.76
C ILE A 48 -4.06 -4.00 22.15
N GLY A 49 -2.83 -3.48 22.25
CA GLY A 49 -2.13 -3.10 23.50
C GLY A 49 -0.63 -3.34 23.39
N PRO A 50 0.21 -2.93 24.37
CA PRO A 50 1.68 -3.02 24.22
C PRO A 50 2.32 -4.44 24.24
N GLU A 51 1.83 -5.39 23.41
CA GLU A 51 2.44 -6.71 23.06
C GLU A 51 2.83 -6.75 21.56
N SER A 52 1.98 -6.16 20.72
CA SER A 52 2.24 -5.79 19.31
C SER A 52 3.22 -4.61 19.23
N ALA A 53 3.42 -3.90 20.37
CA ALA A 53 4.37 -2.79 20.56
C ALA A 53 5.80 -3.29 20.48
N THR A 54 6.11 -4.44 21.09
CA THR A 54 7.46 -5.04 20.98
C THR A 54 7.76 -5.26 19.49
N ALA A 55 6.78 -5.85 18.78
CA ALA A 55 6.86 -6.21 17.35
C ALA A 55 7.16 -4.95 16.55
N TRP A 56 6.18 -4.04 16.43
CA TRP A 56 6.33 -2.84 15.57
C TRP A 56 7.49 -1.92 15.98
N ARG A 57 7.88 -1.91 17.26
CA ARG A 57 8.94 -0.96 17.73
C ARG A 57 10.27 -1.27 17.04
N THR A 58 10.55 -2.54 16.76
CA THR A 58 11.83 -2.94 16.11
C THR A 58 11.94 -2.24 14.74
N LEU A 59 10.81 -2.09 14.04
CA LEU A 59 10.81 -1.45 12.70
C LEU A 59 11.09 0.06 12.80
N VAL A 60 10.94 0.65 13.99
CA VAL A 60 11.15 2.12 14.15
C VAL A 60 12.62 2.37 14.41
N PRO A 61 13.31 3.15 13.54
CA PRO A 61 14.71 3.45 13.79
C PRO A 61 14.86 4.46 14.93
N THR A 62 16.09 4.62 15.38
CA THR A 62 16.50 5.38 16.58
C THR A 62 15.88 6.77 16.61
N ASP A 63 15.90 7.54 15.53
CA ASP A 63 15.27 8.88 15.68
C ASP A 63 13.98 8.97 14.83
N GLY A 64 13.22 7.87 14.76
CA GLY A 64 12.06 7.71 13.85
C GLY A 64 10.75 8.20 14.44
N ALA A 65 10.73 8.72 15.67
CA ALA A 65 9.53 9.12 16.42
C ALA A 65 9.66 10.55 16.94
N VAL A 66 8.54 11.28 16.90
CA VAL A 66 8.37 12.61 17.55
C VAL A 66 7.13 12.55 18.45
N VAL A 67 7.16 13.28 19.56
CA VAL A 67 6.00 13.51 20.45
C VAL A 67 5.90 15.00 20.69
N VAL A 68 4.68 15.48 20.90
CA VAL A 68 4.42 16.84 21.43
C VAL A 68 3.95 16.69 22.86
N ARG A 69 4.62 17.34 23.82
CA ARG A 69 4.18 17.42 25.24
C ARG A 69 3.53 18.80 25.44
N ASP A 70 2.51 18.89 26.29
CA ASP A 70 1.98 20.19 26.79
C ASP A 70 2.74 20.53 28.08
N GLY A 71 3.83 21.32 27.97
CA GLY A 71 4.86 21.53 29.00
C GLY A 71 6.17 20.88 28.60
N SER A 76 2.82 17.66 32.40
CA SER A 76 3.08 17.73 30.94
C SER A 76 2.97 16.34 30.30
N GLU A 77 1.84 16.08 29.63
CA GLU A 77 1.54 14.76 28.99
C GLU A 77 1.69 14.85 27.47
N VAL A 78 1.71 13.69 26.84
CA VAL A 78 1.80 13.54 25.36
C VAL A 78 0.45 13.90 24.76
N VAL A 79 0.41 14.91 23.87
CA VAL A 79 -0.81 15.40 23.15
C VAL A 79 -0.69 15.17 21.63
N GLY A 80 0.44 14.63 21.19
CA GLY A 80 0.70 14.37 19.77
C GLY A 80 1.90 13.47 19.60
N MET A 81 1.84 12.62 18.58
CA MET A 81 2.90 11.66 18.27
C MET A 81 2.81 11.29 16.80
N ALA A 82 3.95 10.85 16.28
CA ALA A 82 4.11 10.38 14.89
C ALA A 82 5.45 9.67 14.81
N LEU A 83 5.54 8.66 13.96
CA LEU A 83 6.80 7.95 13.73
C LEU A 83 6.82 7.41 12.30
N TYR A 84 7.99 6.92 11.89
CA TYR A 84 8.11 6.17 10.62
C TYR A 84 8.85 4.86 10.91
N MET A 85 8.58 3.90 10.04
CA MET A 85 9.24 2.58 10.08
C MET A 85 10.13 2.47 8.85
N ASP A 86 11.18 1.67 8.98
CA ASP A 86 12.05 1.29 7.84
C ASP A 86 11.37 0.20 7.00
N LEU A 87 10.93 0.49 5.78
CA LEU A 87 10.23 -0.50 4.95
C LEU A 87 10.99 -0.65 3.64
N ARG A 88 10.64 -1.65 2.85
CA ARG A 88 11.16 -1.92 1.50
C ARG A 88 9.99 -2.10 0.53
N LEU A 89 9.87 -1.17 -0.42
CA LEU A 89 8.70 -1.06 -1.32
C LEU A 89 9.18 -1.39 -2.73
N THR A 90 8.47 -2.29 -3.38
CA THR A 90 8.72 -2.69 -4.78
C THR A 90 8.00 -1.66 -5.65
N VAL A 91 8.70 -1.14 -6.65
CA VAL A 91 8.15 -0.18 -7.63
C VAL A 91 8.34 -0.81 -9.00
N PRO A 92 7.69 -0.28 -10.06
CA PRO A 92 7.80 -0.85 -11.41
C PRO A 92 9.26 -1.09 -11.84
N GLY A 93 9.48 -2.23 -12.49
CA GLY A 93 10.81 -2.73 -12.86
C GLY A 93 11.37 -3.63 -11.79
N GLU A 94 10.54 -4.08 -10.83
CA GLU A 94 10.99 -4.97 -9.72
C GLU A 94 12.15 -4.34 -8.94
N VAL A 95 12.16 -3.02 -8.83
CA VAL A 95 13.17 -2.25 -8.06
C VAL A 95 12.61 -2.04 -6.67
N VAL A 96 13.41 -2.28 -5.65
CA VAL A 96 13.05 -2.19 -4.22
C VAL A 96 13.67 -0.92 -3.64
N LEU A 97 12.84 0.02 -3.15
CA LEU A 97 13.28 1.29 -2.52
C LEU A 97 13.20 1.23 -1.00
N PRO A 98 14.23 1.71 -0.28
CA PRO A 98 14.09 2.04 1.12
C PRO A 98 12.95 3.07 1.21
N THR A 99 11.99 2.82 2.10
CA THR A 99 10.75 3.61 2.20
C THR A 99 10.51 3.90 3.66
N ALA A 100 10.29 5.16 3.98
CA ALA A 100 9.89 5.61 5.34
C ALA A 100 8.36 5.50 5.44
N GLY A 101 7.89 4.56 6.24
CA GLY A 101 6.44 4.31 6.45
C GLY A 101 5.89 5.04 7.66
N LEU A 102 5.22 6.18 7.46
CA LEU A 102 4.59 6.93 8.56
C LEU A 102 3.44 6.08 9.15
N SER A 103 3.34 6.08 10.47
CA SER A 103 2.34 5.31 11.23
C SER A 103 2.21 5.89 12.64
N PHE A 104 1.21 5.41 13.37
CA PHE A 104 0.99 5.74 14.79
C PHE A 104 0.88 7.25 14.95
N VAL A 105 0.21 7.90 14.00
CA VAL A 105 0.02 9.37 13.95
C VAL A 105 -1.26 9.72 14.72
N ALA A 106 -1.17 10.60 15.70
CA ALA A 106 -2.32 10.92 16.56
C ALA A 106 -2.11 12.29 17.19
N VAL A 107 -3.16 13.08 17.23
CA VAL A 107 -3.24 14.34 18.01
C VAL A 107 -4.36 14.18 19.04
N ALA A 108 -4.10 14.54 20.30
CA ALA A 108 -5.12 14.44 21.38
C ALA A 108 -6.35 15.26 20.98
N PRO A 109 -7.57 14.78 21.30
CA PRO A 109 -8.80 15.50 20.94
C PRO A 109 -8.90 16.86 21.64
N THR A 110 -8.13 17.05 22.70
CA THR A 110 -7.98 18.31 23.47
C THR A 110 -7.07 19.32 22.76
N HIS A 111 -6.38 18.96 21.67
CA HIS A 111 -5.32 19.82 21.07
C HIS A 111 -5.49 19.92 19.55
N ARG A 112 -6.73 19.82 19.06
CA ARG A 112 -6.99 19.99 17.61
C ARG A 112 -6.79 21.45 17.19
N ARG A 113 -6.49 21.68 15.90
CA ARG A 113 -6.36 23.05 15.34
C ARG A 113 -5.22 23.84 16.00
N ARG A 114 -4.16 23.16 16.44
CA ARG A 114 -2.98 23.86 17.02
C ARG A 114 -1.75 23.66 16.14
N GLY A 115 -1.92 23.08 14.94
CA GLY A 115 -0.81 22.88 13.99
C GLY A 115 0.12 21.75 14.40
N LEU A 116 -0.34 20.84 15.27
CA LEU A 116 0.54 19.76 15.78
C LEU A 116 0.90 18.78 14.65
N LEU A 117 -0.10 18.33 13.89
CA LEU A 117 0.12 17.39 12.75
C LEU A 117 1.13 18.00 11.76
N ARG A 118 0.93 19.26 11.37
CA ARG A 118 1.82 19.97 10.42
C ARG A 118 3.26 19.99 10.98
N ALA A 119 3.45 20.31 12.26
CA ALA A 119 4.78 20.42 12.90
C ALA A 119 5.43 19.03 12.99
N MET A 120 4.65 18.00 13.35
CA MET A 120 5.19 16.62 13.47
C MET A 120 5.61 16.10 12.09
N CYS A 121 4.81 16.36 11.04
CA CYS A 121 5.09 15.92 9.65
C CYS A 121 6.33 16.64 9.11
N ALA A 122 6.44 17.95 9.31
CA ALA A 122 7.62 18.77 8.92
C ALA A 122 8.90 18.20 9.55
N GLU A 123 8.87 17.85 10.83
CA GLU A 123 10.08 17.33 11.52
C GLU A 123 10.43 15.94 11.01
N LEU A 124 9.44 15.06 10.82
CA LEU A 124 9.72 13.67 10.36
C LEU A 124 10.25 13.73 8.93
N HIS A 125 9.67 14.58 8.09
CA HIS A 125 10.10 14.74 6.68
C HIS A 125 11.54 15.23 6.60
N ARG A 126 11.90 16.20 7.42
CA ARG A 126 13.28 16.69 7.56
C ARG A 126 14.20 15.48 7.87
N ARG A 127 13.85 14.68 8.88
CA ARG A 127 14.68 13.52 9.30
C ARG A 127 14.74 12.45 8.20
N ILE A 128 13.62 12.19 7.53
CA ILE A 128 13.53 11.14 6.49
C ILE A 128 14.43 11.57 5.32
N ALA A 129 14.29 12.80 4.84
CA ALA A 129 15.08 13.40 3.72
C ALA A 129 16.58 13.32 4.06
N ASP A 130 16.96 13.79 5.25
CA ASP A 130 18.38 13.81 5.72
C ASP A 130 18.94 12.39 5.82
N SER A 131 18.09 11.42 6.15
CA SER A 131 18.49 10.01 6.33
C SER A 131 18.72 9.36 4.97
N GLY A 132 18.25 9.97 3.87
CA GLY A 132 18.48 9.40 2.52
C GLY A 132 17.36 8.53 1.95
N TYR A 133 16.14 8.57 2.51
CA TYR A 133 14.97 7.85 1.95
C TYR A 133 14.51 8.58 0.69
N PRO A 134 14.34 7.91 -0.46
CA PRO A 134 13.80 8.57 -1.64
C PRO A 134 12.28 8.78 -1.60
N VAL A 135 11.57 7.93 -0.84
CA VAL A 135 10.10 7.97 -0.73
C VAL A 135 9.70 7.77 0.74
N ALA A 136 8.54 8.33 1.09
CA ALA A 136 7.77 8.03 2.31
C ALA A 136 6.42 7.50 1.88
N ALA A 137 5.76 6.77 2.77
CA ALA A 137 4.45 6.14 2.50
C ALA A 137 3.60 6.11 3.77
N LEU A 138 2.28 6.03 3.59
CA LEU A 138 1.34 5.87 4.70
C LEU A 138 0.01 5.33 4.19
N HIS A 139 -0.80 4.83 5.13
CA HIS A 139 -2.26 4.55 4.95
C HIS A 139 -3.02 5.66 5.68
N ALA A 140 -4.01 6.26 5.01
CA ALA A 140 -4.72 7.47 5.46
C ALA A 140 -6.03 7.07 6.13
N SER A 141 -6.25 7.52 7.36
CA SER A 141 -7.51 7.34 8.13
C SER A 141 -8.61 8.17 7.45
N GLU A 142 -8.28 9.31 6.86
CA GLU A 142 -9.23 10.11 6.05
C GLU A 142 -8.52 10.59 4.77
N GLY A 143 -9.30 10.90 3.73
CA GLY A 143 -8.75 11.21 2.40
C GLY A 143 -8.36 12.66 2.22
N GLY A 144 -8.72 13.57 3.14
CA GLY A 144 -8.52 15.03 2.99
C GLY A 144 -7.29 15.60 3.72
N ILE A 145 -6.53 14.77 4.42
CA ILE A 145 -5.43 15.24 5.31
C ILE A 145 -4.12 15.38 4.53
N TYR A 146 -3.64 14.32 3.87
CA TYR A 146 -2.18 14.15 3.63
C TYR A 146 -1.76 14.74 2.27
N GLY A 147 -2.70 15.05 1.39
CA GLY A 147 -2.40 15.73 0.12
C GLY A 147 -1.56 16.98 0.34
N ARG A 148 -1.91 17.80 1.32
CA ARG A 148 -1.24 19.09 1.57
C ARG A 148 0.18 18.87 2.11
N PHE A 149 0.55 17.66 2.52
CA PHE A 149 1.91 17.31 3.01
C PHE A 149 2.73 16.60 1.93
N GLY A 150 2.26 16.57 0.69
CA GLY A 150 2.96 15.99 -0.48
C GLY A 150 2.63 14.52 -0.77
N TYR A 151 1.69 13.89 -0.03
CA TYR A 151 1.30 12.47 -0.24
C TYR A 151 0.16 12.37 -1.27
N GLY A 152 0.35 11.49 -2.24
CA GLY A 152 -0.69 11.17 -3.24
C GLY A 152 -1.10 9.71 -3.12
N PRO A 153 -2.40 9.39 -3.24
CA PRO A 153 -2.84 7.98 -3.24
C PRO A 153 -2.22 7.31 -4.47
N ALA A 154 -1.59 6.16 -4.25
CA ALA A 154 -0.67 5.50 -5.20
C ALA A 154 -1.14 4.09 -5.52
N THR A 155 -1.97 3.46 -4.65
CA THR A 155 -2.66 2.18 -4.93
C THR A 155 -4.15 2.30 -4.65
N THR A 156 -4.93 1.40 -5.24
CA THR A 156 -6.41 1.36 -5.13
C THR A 156 -6.88 0.01 -4.62
N LEU A 157 -7.58 0.04 -3.49
CA LEU A 157 -8.25 -1.10 -2.86
C LEU A 157 -9.58 -1.29 -3.59
N HIS A 158 -9.85 -2.51 -4.01
CA HIS A 158 -11.05 -2.89 -4.76
C HIS A 158 -11.62 -4.14 -4.09
N GLU A 159 -12.76 -4.01 -3.42
CA GLU A 159 -13.48 -5.15 -2.83
C GLU A 159 -14.39 -5.79 -3.89
N LEU A 160 -14.18 -7.10 -4.10
CA LEU A 160 -15.08 -7.96 -4.89
C LEU A 160 -15.84 -8.86 -3.90
N THR A 161 -17.15 -8.93 -4.10
CA THR A 161 -18.03 -9.88 -3.42
C THR A 161 -18.57 -10.81 -4.50
N VAL A 162 -18.30 -12.11 -4.38
CA VAL A 162 -18.73 -13.15 -5.35
C VAL A 162 -19.94 -13.88 -4.78
N ASP A 163 -21.07 -13.89 -5.48
CA ASP A 163 -22.21 -14.77 -5.11
C ASP A 163 -21.83 -16.16 -5.61
N ARG A 164 -21.12 -16.93 -4.80
CA ARG A 164 -20.47 -18.18 -5.23
C ARG A 164 -21.50 -19.27 -5.59
N ARG A 165 -22.79 -19.11 -5.23
CA ARG A 165 -23.83 -20.12 -5.56
C ARG A 165 -24.07 -20.19 -7.07
N PHE A 166 -23.81 -19.12 -7.82
CA PHE A 166 -24.02 -19.03 -9.28
C PHE A 166 -22.71 -19.19 -10.06
N ALA A 167 -21.55 -19.14 -9.40
CA ALA A 167 -20.22 -19.07 -10.05
C ALA A 167 -19.89 -20.42 -10.69
N ARG A 168 -19.72 -20.38 -12.00
CA ARG A 168 -19.20 -21.48 -12.83
C ARG A 168 -17.91 -20.95 -13.50
N PHE A 169 -16.85 -21.73 -13.47
CA PHE A 169 -15.61 -21.38 -14.19
C PHE A 169 -15.80 -21.49 -15.70
N HIS A 170 -15.28 -20.51 -16.42
CA HIS A 170 -15.17 -20.51 -17.91
C HIS A 170 -14.38 -21.76 -18.36
N ALA A 171 -14.73 -22.27 -19.53
CA ALA A 171 -14.04 -23.40 -20.21
C ALA A 171 -12.56 -23.05 -20.36
N ASP A 172 -12.21 -21.79 -20.60
CA ASP A 172 -10.78 -21.42 -20.80
C ASP A 172 -9.99 -21.40 -19.48
N ALA A 173 -10.65 -21.43 -18.31
CA ALA A 173 -9.99 -21.20 -17.00
C ALA A 173 -9.04 -22.35 -16.70
N PRO A 174 -7.79 -22.08 -16.30
CA PRO A 174 -6.85 -23.15 -15.93
C PRO A 174 -7.37 -24.06 -14.79
N GLY A 175 -6.84 -25.28 -14.71
CA GLY A 175 -7.07 -26.23 -13.61
C GLY A 175 -8.44 -26.87 -13.62
N GLY A 176 -8.99 -27.17 -14.81
CA GLY A 176 -10.32 -27.80 -15.02
C GLY A 176 -10.39 -29.26 -14.56
N GLY A 177 -9.33 -30.06 -14.75
N SER A 181 -6.52 -32.07 -6.78
CA SER A 181 -6.20 -30.63 -6.61
C SER A 181 -4.74 -30.49 -6.17
N SER A 182 -4.12 -29.38 -6.56
CA SER A 182 -2.79 -28.93 -6.09
C SER A 182 -2.95 -28.02 -4.86
N VAL A 183 -4.19 -27.73 -4.42
CA VAL A 183 -4.52 -26.85 -3.27
C VAL A 183 -4.89 -27.70 -2.07
N ARG A 184 -4.37 -27.38 -0.89
CA ARG A 184 -4.70 -28.08 0.37
C ARG A 184 -5.39 -27.10 1.32
N LEU A 185 -6.36 -27.59 2.11
CA LEU A 185 -6.95 -26.84 3.21
C LEU A 185 -6.08 -27.07 4.43
N VAL A 186 -5.51 -26.02 5.02
CA VAL A 186 -4.52 -26.17 6.14
C VAL A 186 -4.80 -25.16 7.24
N ARG A 187 -4.23 -25.43 8.43
CA ARG A 187 -4.10 -24.47 9.55
C ARG A 187 -2.93 -23.56 9.25
N PRO A 188 -3.18 -22.23 9.22
CA PRO A 188 -2.12 -21.24 9.03
C PRO A 188 -0.85 -21.46 9.87
N THR A 189 -1.00 -21.71 11.18
CA THR A 189 0.13 -21.79 12.14
C THR A 189 1.10 -22.91 11.76
N GLU A 190 0.64 -23.94 11.03
CA GLU A 190 1.45 -25.15 10.73
C GLU A 190 2.19 -24.97 9.41
N HIS A 191 2.00 -23.87 8.69
CA HIS A 191 2.63 -23.67 7.35
C HIS A 191 3.18 -22.24 7.22
N ARG A 192 3.58 -21.64 8.33
CA ARG A 192 4.12 -20.25 8.40
C ARG A 192 5.25 -20.11 7.38
N GLY A 193 6.20 -21.04 7.38
CA GLY A 193 7.36 -21.04 6.48
C GLY A 193 6.98 -20.98 5.02
N GLU A 194 5.92 -21.69 4.61
CA GLU A 194 5.54 -21.75 3.18
C GLU A 194 4.88 -20.42 2.79
N PHE A 195 4.07 -19.84 3.69
CA PHE A 195 3.39 -18.54 3.46
C PHE A 195 4.46 -17.46 3.29
N GLU A 196 5.41 -17.45 4.24
CA GLU A 196 6.60 -16.53 4.25
C GLU A 196 7.32 -16.58 2.90
N ALA A 197 7.62 -17.78 2.42
CA ALA A 197 8.35 -17.98 1.15
C ALA A 197 7.49 -17.53 -0.03
N ILE A 198 6.20 -17.88 -0.08
CA ILE A 198 5.33 -17.45 -1.22
C ILE A 198 5.19 -15.92 -1.21
N TYR A 199 5.00 -15.31 -0.02
CA TYR A 199 4.80 -13.84 0.13
C TYR A 199 6.07 -13.12 -0.34
N GLU A 200 7.24 -13.63 0.07
CA GLU A 200 8.53 -13.01 -0.32
C GLU A 200 8.65 -12.95 -1.84
N ARG A 201 8.31 -14.05 -2.53
CA ARG A 201 8.36 -14.08 -4.00
C ARG A 201 7.36 -13.07 -4.57
N TRP A 202 6.16 -12.98 -3.98
CA TRP A 202 5.11 -12.05 -4.47
C TRP A 202 5.56 -10.60 -4.33
N ARG A 203 6.07 -10.20 -3.16
CA ARG A 203 6.41 -8.78 -2.90
C ARG A 203 7.50 -8.29 -3.85
N GLN A 204 8.50 -9.13 -4.13
CA GLN A 204 9.62 -8.76 -5.04
C GLN A 204 9.12 -8.51 -6.46
N GLN A 205 8.12 -9.26 -6.93
CA GLN A 205 7.68 -9.14 -8.34
C GLN A 205 6.49 -8.18 -8.54
N VAL A 206 5.91 -7.62 -7.48
CA VAL A 206 4.67 -6.81 -7.67
C VAL A 206 4.84 -5.37 -7.19
N PRO A 207 4.55 -4.34 -8.01
CA PRO A 207 4.56 -2.94 -7.54
C PRO A 207 3.59 -2.80 -6.34
N GLY A 208 4.00 -2.11 -5.29
CA GLY A 208 3.23 -2.04 -4.04
C GLY A 208 3.75 -3.04 -3.02
N GLY A 209 4.54 -4.01 -3.45
CA GLY A 209 5.03 -5.07 -2.55
C GLY A 209 5.85 -4.48 -1.41
N LEU A 210 5.67 -4.99 -0.21
CA LEU A 210 6.47 -4.62 0.98
C LEU A 210 7.08 -5.88 1.56
N LEU A 211 8.36 -5.82 1.93
CA LEU A 211 9.00 -6.81 2.82
C LEU A 211 8.13 -6.89 4.08
N ARG A 212 7.72 -8.10 4.46
CA ARG A 212 6.95 -8.34 5.70
C ARG A 212 7.91 -8.96 6.70
N PRO A 213 8.38 -8.22 7.71
CA PRO A 213 9.31 -8.78 8.71
C PRO A 213 8.68 -9.78 9.70
N GLN A 214 9.53 -10.61 10.34
CA GLN A 214 9.14 -11.71 11.26
C GLN A 214 8.03 -11.23 12.19
N VAL A 215 8.21 -10.07 12.76
CA VAL A 215 7.29 -9.53 13.79
C VAL A 215 5.89 -9.28 13.22
N LEU A 216 5.74 -9.00 11.92
CA LEU A 216 4.39 -8.78 11.31
C LEU A 216 3.75 -10.12 10.90
N TRP A 217 4.55 -11.14 10.62
CA TRP A 217 4.08 -12.53 10.53
C TRP A 217 3.60 -13.01 11.92
N ASP A 218 4.35 -12.77 13.01
CA ASP A 218 3.89 -13.08 14.38
C ASP A 218 2.47 -12.50 14.56
N GLU A 219 2.26 -11.23 14.17
CA GLU A 219 0.97 -10.54 14.41
C GLU A 219 -0.09 -11.14 13.51
N LEU A 220 0.25 -11.49 12.27
CA LEU A 220 -0.73 -12.03 11.31
C LEU A 220 -1.30 -13.33 11.88
N LEU A 221 -0.45 -14.23 12.41
CA LEU A 221 -0.93 -15.53 12.95
C LEU A 221 -1.69 -15.33 14.28
N ALA A 222 -1.31 -14.35 15.09
CA ALA A 222 -2.08 -13.97 16.29
C ALA A 222 -3.55 -13.71 15.89
N GLU A 223 -3.77 -12.78 14.96
CA GLU A 223 -5.11 -12.41 14.42
C GLU A 223 -5.82 -13.59 13.73
N ALA A 224 -5.15 -14.70 13.42
CA ALA A 224 -5.70 -15.83 12.63
C ALA A 224 -6.38 -16.87 13.54
N LYS A 225 -6.19 -16.75 14.86
CA LYS A 225 -6.81 -17.69 15.81
C LYS A 225 -8.10 -17.03 16.33
N ALA A 226 -9.11 -17.85 16.62
CA ALA A 226 -10.43 -17.42 17.12
C ALA A 226 -10.28 -16.59 18.41
N ALA A 227 -11.07 -15.54 18.54
CA ALA A 227 -11.14 -14.67 19.73
C ALA A 227 -12.53 -14.82 20.36
N PRO A 228 -12.63 -15.06 21.70
CA PRO A 228 -13.93 -15.11 22.36
C PRO A 228 -14.65 -13.76 22.21
N GLY A 229 -15.82 -13.77 21.57
CA GLY A 229 -16.62 -12.58 21.24
C GLY A 229 -15.98 -11.72 20.17
N GLY A 230 -14.97 -12.26 19.49
CA GLY A 230 -14.31 -11.61 18.35
C GLY A 230 -14.39 -12.47 17.10
N ASP A 231 -13.32 -12.54 16.32
CA ASP A 231 -13.30 -13.16 14.98
C ASP A 231 -13.28 -14.69 15.14
N ARG A 232 -13.77 -15.38 14.11
CA ARG A 232 -13.77 -16.85 14.01
C ARG A 232 -12.38 -17.29 13.57
N GLU A 233 -12.07 -18.56 13.71
CA GLU A 233 -10.77 -19.15 13.28
C GLU A 233 -10.55 -18.86 11.78
N SER A 234 -9.31 -18.63 11.38
CA SER A 234 -8.89 -18.54 9.98
C SER A 234 -8.39 -19.89 9.50
N PHE A 235 -8.69 -20.22 8.25
CA PHE A 235 -8.11 -21.36 7.52
C PHE A 235 -7.33 -20.80 6.34
N ALA A 236 -6.47 -21.65 5.77
CA ALA A 236 -5.63 -21.33 4.62
C ALA A 236 -5.89 -22.36 3.53
N LEU A 237 -5.79 -21.89 2.29
CA LEU A 237 -5.72 -22.71 1.07
C LEU A 237 -4.30 -22.51 0.54
N LEU A 238 -3.54 -23.60 0.43
CA LEU A 238 -2.10 -23.57 0.15
C LEU A 238 -1.83 -24.31 -1.15
N HIS A 239 -1.24 -23.60 -2.11
CA HIS A 239 -0.73 -24.07 -3.42
C HIS A 239 0.78 -23.86 -3.40
N PRO A 240 1.59 -24.63 -4.17
CA PRO A 240 3.03 -24.36 -4.26
C PRO A 240 3.36 -22.89 -4.58
N ASP A 241 2.49 -22.19 -5.33
CA ASP A 241 2.76 -20.84 -5.87
C ASP A 241 1.68 -19.84 -5.44
N GLY A 242 1.00 -20.09 -4.32
CA GLY A 242 0.00 -19.15 -3.78
C GLY A 242 -0.66 -19.64 -2.50
N TYR A 243 -1.28 -18.72 -1.76
CA TYR A 243 -2.08 -19.03 -0.56
C TYR A 243 -3.20 -17.99 -0.46
N ALA A 244 -4.31 -18.39 0.16
CA ALA A 244 -5.43 -17.54 0.61
C ALA A 244 -5.67 -17.81 2.10
N LEU A 245 -5.72 -16.77 2.92
CA LEU A 245 -6.23 -16.81 4.31
C LEU A 245 -7.66 -16.30 4.30
N TYR A 246 -8.58 -17.06 4.89
CA TYR A 246 -10.01 -16.71 4.94
C TYR A 246 -10.55 -17.08 6.31
N ARG A 247 -11.68 -16.48 6.65
CA ARG A 247 -12.45 -16.78 7.86
C ARG A 247 -13.92 -16.47 7.57
N VAL A 248 -14.81 -17.18 8.23
CA VAL A 248 -16.25 -16.81 8.20
C VAL A 248 -16.41 -15.54 9.03
N ASP A 249 -17.25 -14.63 8.52
CA ASP A 249 -17.59 -13.34 9.18
C ASP A 249 -18.17 -13.62 10.57
N ARG A 250 -18.01 -12.70 11.53
CA ARG A 250 -18.62 -12.89 12.87
C ARG A 250 -20.14 -12.96 12.73
N THR A 251 -20.78 -11.82 12.42
CA THR A 251 -22.27 -11.76 12.32
C THR A 251 -22.82 -12.59 11.15
N ASP A 252 -22.17 -12.55 9.99
CA ASP A 252 -22.73 -13.24 8.79
C ASP A 252 -22.04 -14.58 8.62
N LEU A 253 -22.78 -15.67 8.76
CA LEU A 253 -22.17 -17.04 8.69
C LEU A 253 -22.24 -17.55 7.25
N LYS A 254 -22.81 -16.77 6.33
CA LYS A 254 -22.86 -17.16 4.90
C LYS A 254 -21.82 -16.35 4.12
N LEU A 255 -21.01 -15.55 4.82
CA LEU A 255 -19.94 -14.74 4.16
C LEU A 255 -18.56 -15.22 4.62
N ALA A 256 -17.69 -15.58 3.69
CA ALA A 256 -16.26 -15.84 3.99
C ALA A 256 -15.46 -14.62 3.53
N ARG A 257 -14.66 -14.08 4.42
CA ARG A 257 -13.78 -12.94 4.10
C ARG A 257 -12.38 -13.47 3.85
N VAL A 258 -11.85 -13.23 2.66
CA VAL A 258 -10.44 -13.50 2.32
C VAL A 258 -9.60 -12.35 2.85
N SER A 259 -8.82 -12.58 3.90
CA SER A 259 -7.98 -11.50 4.50
C SER A 259 -6.81 -11.20 3.58
N GLU A 260 -6.40 -12.14 2.73
CA GLU A 260 -5.13 -12.06 1.97
C GLU A 260 -5.04 -13.22 0.99
N LEU A 261 -4.79 -12.93 -0.27
CA LEU A 261 -4.50 -13.95 -1.28
C LEU A 261 -3.28 -13.45 -2.07
N ARG A 262 -2.21 -14.22 -2.03
CA ARG A 262 -0.92 -13.95 -2.71
C ARG A 262 -0.66 -15.09 -3.68
N ALA A 263 -0.65 -14.81 -4.96
CA ALA A 263 -0.43 -15.80 -6.01
C ALA A 263 0.69 -15.28 -6.92
N VAL A 264 1.70 -16.12 -7.14
CA VAL A 264 2.91 -15.77 -7.94
C VAL A 264 2.64 -16.14 -9.41
N THR A 265 1.71 -17.04 -9.69
CA THR A 265 1.40 -17.50 -11.06
C THR A 265 -0.11 -17.42 -11.27
N ALA A 266 -0.55 -17.35 -12.52
CA ALA A 266 -1.97 -17.34 -12.92
C ALA A 266 -2.63 -18.66 -12.48
N ASP A 267 -1.89 -19.76 -12.63
CA ASP A 267 -2.38 -21.11 -12.28
C ASP A 267 -2.74 -21.15 -10.80
N ALA A 268 -1.88 -20.63 -9.92
CA ALA A 268 -2.10 -20.58 -8.46
C ALA A 268 -3.39 -19.77 -8.16
N HIS A 269 -3.52 -18.61 -8.79
CA HIS A 269 -4.64 -17.68 -8.56
C HIS A 269 -5.95 -18.40 -8.90
N CYS A 270 -6.02 -19.05 -10.06
CA CYS A 270 -7.22 -19.76 -10.51
C CYS A 270 -7.48 -20.95 -9.56
N ALA A 271 -6.44 -21.73 -9.22
CA ALA A 271 -6.61 -22.90 -8.36
C ALA A 271 -7.19 -22.47 -7.02
N LEU A 272 -6.68 -21.38 -6.45
CA LEU A 272 -7.13 -20.87 -5.13
C LEU A 272 -8.59 -20.46 -5.22
N TRP A 273 -8.99 -19.85 -6.33
CA TRP A 273 -10.39 -19.36 -6.53
C TRP A 273 -11.32 -20.54 -6.78
N ARG A 274 -10.85 -21.60 -7.44
CA ARG A 274 -11.65 -22.84 -7.56
C ARG A 274 -11.95 -23.37 -6.15
N ALA A 275 -10.99 -23.35 -5.25
CA ALA A 275 -11.17 -23.85 -3.88
C ALA A 275 -12.10 -22.93 -3.09
N LEU A 276 -11.97 -21.61 -3.25
CA LEU A 276 -12.83 -20.66 -2.49
C LEU A 276 -14.29 -20.80 -2.94
N ILE A 277 -14.53 -20.91 -4.25
CA ILE A 277 -15.89 -21.19 -4.83
C ILE A 277 -16.39 -22.56 -4.35
N GLY A 278 -15.53 -23.51 -3.98
CA GLY A 278 -15.93 -24.77 -3.30
C GLY A 278 -16.32 -24.60 -1.83
N LEU A 279 -16.30 -23.43 -1.22
CA LEU A 279 -16.84 -23.26 0.15
C LEU A 279 -18.38 -23.30 0.10
N ASP A 280 -18.93 -24.51 -0.05
CA ASP A 280 -20.33 -24.77 -0.47
C ASP A 280 -21.31 -24.27 0.59
N SER A 281 -20.91 -24.20 1.86
CA SER A 281 -21.80 -23.68 2.92
C SER A 281 -21.87 -22.14 2.89
N MET A 282 -21.05 -21.45 2.08
CA MET A 282 -21.05 -19.96 2.03
C MET A 282 -21.94 -19.49 0.88
N GLU A 283 -22.54 -18.32 1.00
CA GLU A 283 -23.29 -17.68 -0.10
C GLU A 283 -22.37 -16.73 -0.86
N ARG A 284 -21.53 -16.02 -0.12
CA ARG A 284 -20.66 -14.94 -0.64
C ARG A 284 -19.23 -15.10 -0.12
N ILE A 285 -18.28 -14.83 -1.02
CA ILE A 285 -16.80 -14.69 -0.77
C ILE A 285 -16.49 -13.21 -1.04
N SER A 286 -15.87 -12.52 -0.09
CA SER A 286 -15.42 -11.12 -0.30
C SER A 286 -13.90 -11.07 -0.17
N ILE A 287 -13.27 -10.21 -0.97
CA ILE A 287 -11.80 -9.97 -0.91
C ILE A 287 -11.54 -8.49 -1.19
N ILE A 288 -10.57 -7.92 -0.49
CA ILE A 288 -9.98 -6.60 -0.86
C ILE A 288 -8.77 -6.88 -1.75
N THR A 289 -8.92 -6.57 -3.03
CA THR A 289 -7.94 -6.85 -4.10
C THR A 289 -7.65 -5.53 -4.83
N HIS A 290 -7.22 -5.62 -6.09
CA HIS A 290 -6.84 -4.47 -6.94
C HIS A 290 -7.75 -4.44 -8.16
N PRO A 291 -7.82 -3.28 -8.86
CA PRO A 291 -8.71 -3.12 -10.01
C PRO A 291 -8.46 -4.14 -11.14
N GLN A 292 -7.23 -4.65 -11.30
CA GLN A 292 -6.88 -5.57 -12.41
C GLN A 292 -6.96 -7.04 -12.00
N ASP A 293 -7.57 -7.38 -10.87
CA ASP A 293 -7.75 -8.79 -10.46
C ASP A 293 -8.48 -9.52 -11.57
N PRO A 294 -7.88 -10.59 -12.14
CA PRO A 294 -8.50 -11.32 -13.26
C PRO A 294 -9.73 -12.16 -12.90
N LEU A 295 -10.01 -12.32 -11.60
CA LEU A 295 -11.11 -13.16 -11.09
C LEU A 295 -12.35 -13.08 -11.97
N PRO A 296 -12.91 -11.90 -12.30
CA PRO A 296 -14.16 -11.84 -13.05
C PRO A 296 -14.10 -12.63 -14.36
N HIS A 297 -12.94 -12.61 -15.02
CA HIS A 297 -12.71 -13.26 -16.35
C HIS A 297 -12.62 -14.79 -16.23
N LEU A 298 -12.44 -15.32 -15.00
CA LEU A 298 -12.38 -16.78 -14.75
C LEU A 298 -13.78 -17.37 -14.80
N LEU A 299 -14.83 -16.56 -14.75
CA LEU A 299 -16.23 -17.05 -14.60
C LEU A 299 -16.97 -16.85 -15.92
N THR A 300 -18.06 -17.59 -16.12
CA THR A 300 -18.95 -17.48 -17.31
C THR A 300 -19.76 -16.19 -17.21
N ASP A 301 -20.04 -15.75 -15.98
CA ASP A 301 -20.75 -14.47 -15.70
C ASP A 301 -19.79 -13.55 -14.92
N THR A 302 -19.14 -12.61 -15.60
CA THR A 302 -18.15 -11.67 -15.04
C THR A 302 -18.81 -10.82 -13.97
N ARG A 303 -20.13 -10.62 -14.07
CA ARG A 303 -20.90 -9.72 -13.20
C ARG A 303 -21.00 -10.30 -11.77
N LEU A 304 -20.79 -11.60 -11.61
CA LEU A 304 -20.86 -12.26 -10.29
C LEU A 304 -19.79 -11.73 -9.36
N ALA A 305 -18.66 -11.25 -9.91
CA ALA A 305 -17.61 -10.58 -9.11
C ALA A 305 -17.97 -9.10 -8.96
N ARG A 306 -18.85 -8.76 -8.00
CA ARG A 306 -19.38 -7.37 -7.80
C ARG A 306 -18.34 -6.54 -7.04
N THR A 307 -18.13 -5.31 -7.49
CA THR A 307 -17.32 -4.30 -6.80
C THR A 307 -18.23 -3.65 -5.78
N THR A 308 -17.99 -3.92 -4.49
CA THR A 308 -18.81 -3.50 -3.35
C THR A 308 -18.15 -2.29 -2.65
N TRP A 309 -16.91 -1.91 -2.99
CA TRP A 309 -16.12 -0.91 -2.24
C TRP A 309 -14.82 -0.62 -2.97
N ARG A 310 -14.44 0.64 -3.02
CA ARG A 310 -13.19 1.14 -3.60
C ARG A 310 -12.67 2.25 -2.72
N GLN A 311 -11.38 2.29 -2.49
CA GLN A 311 -10.74 3.31 -1.64
C GLN A 311 -9.24 3.35 -1.95
N ASP A 312 -8.61 4.50 -1.68
CA ASP A 312 -7.14 4.68 -1.72
C ASP A 312 -6.52 3.65 -0.77
N GLY A 313 -5.43 3.02 -1.21
CA GLY A 313 -4.59 2.17 -0.37
C GLY A 313 -3.37 2.91 0.14
N LEU A 314 -2.21 2.60 -0.43
CA LEU A 314 -0.92 3.23 -0.05
C LEU A 314 -0.88 4.64 -0.63
N TRP A 315 -0.44 5.60 0.20
CA TRP A 315 -0.08 6.97 -0.22
C TRP A 315 1.44 7.11 -0.29
N LEU A 316 1.94 7.80 -1.31
CA LEU A 316 3.39 8.04 -1.51
C LEU A 316 3.70 9.53 -1.43
N ARG A 317 4.74 9.88 -0.69
CA ARG A 317 5.42 11.18 -0.83
C ARG A 317 6.83 10.93 -1.36
N ILE A 318 7.06 11.36 -2.59
CA ILE A 318 8.43 11.42 -3.21
C ILE A 318 9.24 12.45 -2.40
N MET A 319 10.27 11.99 -1.70
CA MET A 319 11.17 12.86 -0.88
C MET A 319 12.21 13.49 -1.82
N ASN A 320 12.75 12.72 -2.74
CA ASN A 320 13.81 13.15 -3.69
C ASN A 320 13.37 12.78 -5.10
N VAL A 321 12.97 13.78 -5.88
CA VAL A 321 12.32 13.60 -7.21
C VAL A 321 13.29 12.88 -8.14
N PRO A 322 14.54 13.36 -8.32
CA PRO A 322 15.46 12.73 -9.24
C PRO A 322 15.80 11.28 -8.86
N ALA A 323 16.05 10.99 -7.58
CA ALA A 323 16.36 9.62 -7.10
C ALA A 323 15.16 8.69 -7.32
N ALA A 324 13.94 9.16 -7.07
CA ALA A 324 12.73 8.34 -7.27
C ALA A 324 12.56 8.09 -8.77
N LEU A 325 12.57 9.13 -9.59
CA LEU A 325 12.28 9.01 -11.05
C LEU A 325 13.34 8.15 -11.74
N GLU A 326 14.60 8.26 -11.31
CA GLU A 326 15.69 7.45 -11.92
C GLU A 326 15.56 6.00 -11.47
N ALA A 327 15.08 5.73 -10.26
CA ALA A 327 15.12 4.38 -9.64
C ALA A 327 14.19 3.39 -10.34
N ARG A 328 13.02 3.83 -10.80
CA ARG A 328 11.98 2.90 -11.32
C ARG A 328 12.20 2.64 -12.82
N GLY A 329 11.66 1.52 -13.30
CA GLY A 329 11.61 1.18 -14.72
C GLY A 329 10.42 1.84 -15.36
N TYR A 330 10.50 2.10 -16.66
CA TYR A 330 9.44 2.73 -17.48
C TYR A 330 9.12 1.76 -18.61
N ALA A 331 7.96 1.89 -19.24
CA ALA A 331 7.53 1.00 -20.34
C ALA A 331 8.54 1.13 -21.49
N HIS A 332 9.04 0.00 -21.99
CA HIS A 332 9.91 -0.12 -23.20
C HIS A 332 9.16 0.21 -24.51
N GLU A 333 7.83 0.25 -24.51
CA GLU A 333 7.05 0.39 -25.77
C GLU A 333 7.14 1.83 -26.29
N VAL A 334 7.18 2.81 -25.40
CA VAL A 334 7.27 4.26 -25.76
C VAL A 334 8.72 4.60 -26.18
N GLY A 335 8.87 5.32 -27.27
CA GLY A 335 10.20 5.69 -27.79
C GLY A 335 10.79 6.78 -26.92
N GLU A 336 12.11 6.88 -26.90
CA GLU A 336 12.84 7.96 -26.24
C GLU A 336 12.17 9.33 -26.45
N PHE A 337 11.98 10.06 -25.34
CA PHE A 337 11.53 11.48 -25.35
C PHE A 337 12.22 12.23 -24.20
N SER A 338 12.22 13.56 -24.30
CA SER A 338 12.83 14.51 -23.34
C SER A 338 11.81 15.59 -23.01
N THR A 339 11.72 15.97 -21.74
CA THR A 339 10.84 17.08 -21.32
C THR A 339 11.49 17.78 -20.12
N VAL A 340 10.81 18.80 -19.60
CA VAL A 340 11.19 19.51 -18.35
C VAL A 340 9.98 19.41 -17.42
N LEU A 341 10.19 18.73 -16.29
CA LEU A 341 9.23 18.57 -15.20
C LEU A 341 9.56 19.53 -14.05
N GLU A 342 8.59 20.35 -13.68
CA GLU A 342 8.62 21.10 -12.41
C GLU A 342 7.67 20.47 -11.39
N VAL A 343 8.17 20.11 -10.22
CA VAL A 343 7.37 19.83 -9.01
C VAL A 343 7.30 21.15 -8.22
N SER A 344 6.10 21.63 -7.92
CA SER A 344 5.84 22.84 -7.09
C SER A 344 6.68 22.77 -5.81
N ASP A 345 7.62 23.70 -5.62
CA ASP A 345 8.53 23.71 -4.43
C ASP A 345 9.25 22.35 -4.27
N GLY A 346 9.67 21.72 -5.36
CA GLY A 346 10.32 20.39 -5.32
C GLY A 346 11.47 20.25 -6.33
N GLY A 347 11.69 21.29 -7.15
CA GLY A 347 12.76 21.40 -8.16
C GLY A 347 12.22 21.35 -9.59
N ARG A 348 13.04 21.74 -10.55
CA ARG A 348 12.76 21.59 -11.99
C ARG A 348 13.85 20.72 -12.62
N PHE A 349 13.48 19.80 -13.50
CA PHE A 349 14.38 18.72 -13.99
C PHE A 349 14.20 18.47 -15.48
N ALA A 350 15.32 18.31 -16.15
CA ALA A 350 15.39 17.73 -17.50
C ALA A 350 15.19 16.22 -17.31
N LEU A 351 14.09 15.71 -17.86
CA LEU A 351 13.68 14.29 -17.72
C LEU A 351 13.74 13.68 -19.11
N LYS A 352 14.64 12.71 -19.25
CA LYS A 352 14.81 11.94 -20.50
C LYS A 352 14.48 10.49 -20.14
N ILE A 353 13.57 9.88 -20.90
CA ILE A 353 13.07 8.49 -20.68
C ILE A 353 13.24 7.71 -21.98
N GLY A 354 13.96 6.59 -21.92
CA GLY A 354 14.17 5.69 -23.08
C GLY A 354 14.72 4.35 -22.66
N ASP A 355 14.40 3.29 -23.41
CA ASP A 355 14.84 1.90 -23.11
C ASP A 355 14.47 1.57 -21.65
N GLY A 356 13.29 2.03 -21.23
CA GLY A 356 12.72 1.78 -19.90
C GLY A 356 13.49 2.41 -18.75
N ARG A 357 14.40 3.36 -18.99
CA ARG A 357 15.20 4.04 -17.94
C ARG A 357 14.97 5.56 -18.01
N ALA A 358 15.06 6.24 -16.87
CA ALA A 358 14.97 7.72 -16.83
C ALA A 358 16.29 8.29 -16.34
N ARG A 359 16.70 9.39 -16.96
CA ARG A 359 17.75 10.32 -16.45
C ARG A 359 17.05 11.63 -16.11
N CYS A 360 17.34 12.16 -14.92
CA CYS A 360 16.60 13.28 -14.29
C CYS A 360 17.62 14.24 -13.66
N THR A 361 17.88 15.39 -14.33
CA THR A 361 18.99 16.33 -14.02
C THR A 361 18.47 17.76 -13.82
N PRO A 362 19.12 18.58 -12.96
CA PRO A 362 18.68 19.94 -12.71
C PRO A 362 18.71 20.79 -13.97
N THR A 363 17.79 21.74 -14.09
CA THR A 363 17.75 22.68 -15.23
C THR A 363 16.99 23.93 -14.78
N ASP A 364 17.27 25.06 -15.40
CA ASP A 364 16.45 26.29 -15.26
C ASP A 364 15.73 26.51 -16.61
N ALA A 365 15.80 25.59 -17.57
CA ALA A 365 15.02 25.72 -18.83
C ALA A 365 13.51 25.74 -18.49
N ALA A 366 12.71 26.31 -19.37
CA ALA A 366 11.25 26.47 -19.19
C ALA A 366 10.59 25.11 -18.94
N ALA A 367 9.68 25.07 -17.99
CA ALA A 367 8.90 23.85 -17.64
C ALA A 367 7.92 23.54 -18.78
N GLU A 368 7.85 22.26 -19.16
CA GLU A 368 6.83 21.74 -20.09
C GLU A 368 5.71 21.01 -19.29
N ILE A 369 6.01 20.55 -18.08
CA ILE A 369 5.06 19.83 -17.18
C ILE A 369 5.22 20.44 -15.79
N GLU A 370 4.11 20.82 -15.16
CA GLU A 370 4.08 21.22 -13.73
C GLU A 370 3.05 20.37 -13.00
N MET A 371 3.35 20.02 -11.75
CA MET A 371 2.42 19.25 -10.89
C MET A 371 2.91 19.40 -9.44
N ASP A 372 2.02 19.23 -8.47
CA ASP A 372 2.43 19.26 -7.05
C ASP A 372 3.11 17.92 -6.71
N ARG A 373 3.79 17.85 -5.58
CA ARG A 373 4.55 16.61 -5.20
C ARG A 373 3.58 15.43 -5.08
N ASP A 374 2.38 15.65 -4.56
CA ASP A 374 1.40 14.55 -4.34
C ASP A 374 1.03 13.88 -5.68
N VAL A 375 0.89 14.67 -6.75
CA VAL A 375 0.50 14.13 -8.08
C VAL A 375 1.56 13.13 -8.55
N LEU A 376 2.84 13.44 -8.35
CA LEU A 376 3.94 12.53 -8.76
C LEU A 376 3.83 11.20 -8.01
N GLY A 377 3.52 11.24 -6.72
CA GLY A 377 3.35 10.00 -5.93
C GLY A 377 2.20 9.17 -6.48
N SER A 378 1.10 9.83 -6.86
CA SER A 378 -0.06 9.12 -7.45
C SER A 378 0.32 8.44 -8.77
N LEU A 379 1.19 9.06 -9.58
CA LEU A 379 1.63 8.49 -10.87
C LEU A 379 2.80 7.50 -10.70
N TYR A 380 3.46 7.48 -9.54
CA TYR A 380 4.71 6.67 -9.40
C TYR A 380 4.54 5.17 -9.60
N LEU A 381 3.47 4.58 -9.07
CA LEU A 381 3.29 3.10 -9.16
C LEU A 381 2.39 2.73 -10.35
N GLY A 382 1.90 3.71 -11.11
CA GLY A 382 1.08 3.45 -12.30
C GLY A 382 -0.42 3.31 -12.04
N ALA A 383 -0.86 3.51 -10.80
CA ALA A 383 -2.30 3.44 -10.46
C ALA A 383 -3.10 4.53 -11.17
N HIS A 384 -2.55 5.74 -11.29
CA HIS A 384 -3.33 6.86 -11.87
C HIS A 384 -2.68 7.34 -13.17
N ARG A 385 -3.49 7.53 -14.21
CA ARG A 385 -2.99 8.06 -15.50
C ARG A 385 -2.71 9.55 -15.41
N ALA A 386 -1.67 10.02 -16.11
CA ALA A 386 -1.35 11.47 -16.15
C ALA A 386 -2.49 12.23 -16.80
N SER A 387 -3.11 11.64 -17.83
CA SER A 387 -4.21 12.31 -18.57
C SER A 387 -5.40 12.58 -17.62
N THR A 388 -5.73 11.63 -16.75
CA THR A 388 -6.85 11.82 -15.79
C THR A 388 -6.53 12.99 -14.84
N LEU A 389 -5.30 13.03 -14.33
CA LEU A 389 -4.87 14.14 -13.44
C LEU A 389 -4.82 15.46 -14.22
N ALA A 390 -4.41 15.42 -15.48
CA ALA A 390 -4.38 16.63 -16.34
C ALA A 390 -5.79 17.18 -16.53
N ALA A 391 -6.78 16.29 -16.69
CA ALA A 391 -8.19 16.72 -16.87
C ALA A 391 -8.64 17.49 -15.62
N ALA A 392 -8.14 17.09 -14.44
CA ALA A 392 -8.51 17.78 -13.18
C ALA A 392 -7.59 18.99 -12.97
N ASN A 393 -6.64 19.22 -13.87
CA ASN A 393 -5.68 20.37 -13.78
C ASN A 393 -4.66 20.13 -12.64
N ARG A 394 -4.54 18.88 -12.17
CA ARG A 394 -3.50 18.57 -11.15
C ARG A 394 -2.17 18.46 -11.89
N LEU A 395 -2.21 18.07 -13.16
CA LEU A 395 -0.99 18.04 -13.99
C LEU A 395 -1.20 19.03 -15.14
N ARG A 396 -0.23 19.92 -15.39
CA ARG A 396 -0.46 20.97 -16.41
C ARG A 396 0.58 20.89 -17.54
N THR A 397 0.12 20.83 -18.80
CA THR A 397 1.02 20.84 -19.98
C THR A 397 0.25 21.45 -21.16
N LYS A 398 0.95 22.02 -22.14
CA LYS A 398 0.28 22.58 -23.36
C LYS A 398 0.55 21.61 -24.51
N ASP A 399 1.14 20.45 -24.21
CA ASP A 399 1.48 19.42 -25.21
C ASP A 399 0.74 18.08 -24.93
N SER A 400 -0.27 17.75 -25.73
CA SER A 400 -1.09 16.52 -25.55
C SER A 400 -0.27 15.27 -25.93
N GLN A 401 0.67 15.41 -26.86
CA GLN A 401 1.62 14.31 -27.22
C GLN A 401 2.51 13.92 -26.01
N LEU A 402 3.06 14.90 -25.31
CA LEU A 402 3.87 14.68 -24.08
C LEU A 402 3.02 13.96 -23.01
N LEU A 403 1.76 14.35 -22.86
CA LEU A 403 0.80 13.67 -21.95
C LEU A 403 0.63 12.19 -22.33
N ARG A 404 0.37 11.88 -23.62
CA ARG A 404 0.26 10.46 -24.03
C ARG A 404 1.56 9.73 -23.71
N ARG A 405 2.69 10.39 -23.90
CA ARG A 405 4.03 9.80 -23.64
C ARG A 405 4.25 9.52 -22.14
N LEU A 406 3.93 10.50 -21.29
CA LEU A 406 3.96 10.30 -19.81
C LEU A 406 3.08 9.11 -19.44
N ASP A 407 1.81 9.15 -19.86
CA ASP A 407 0.84 8.05 -19.60
C ASP A 407 1.51 6.71 -19.88
N ALA A 408 2.03 6.51 -21.10
CA ALA A 408 2.55 5.17 -21.52
C ALA A 408 3.81 4.82 -20.74
N ALA A 409 4.69 5.80 -20.52
CA ALA A 409 5.99 5.56 -19.86
C ALA A 409 5.79 5.17 -18.39
N PHE A 410 4.89 5.85 -17.66
CA PHE A 410 4.67 5.64 -16.20
C PHE A 410 3.76 4.44 -15.92
N ALA A 411 3.02 3.96 -16.94
CA ALA A 411 2.23 2.72 -16.84
C ALA A 411 3.12 1.60 -16.33
N SER A 412 2.49 0.64 -15.67
CA SER A 412 3.15 -0.54 -15.06
C SER A 412 2.68 -1.79 -15.80
N ASP A 413 3.61 -2.56 -16.35
CA ASP A 413 3.33 -3.85 -17.00
C ASP A 413 2.53 -4.71 -16.00
N VAL A 414 3.11 -4.94 -14.81
CA VAL A 414 2.53 -5.72 -13.69
C VAL A 414 1.63 -4.79 -12.90
N PRO A 415 0.32 -5.07 -12.80
CA PRO A 415 -0.58 -4.16 -12.11
C PRO A 415 -0.19 -4.00 -10.63
N VAL A 416 -0.31 -2.76 -10.14
CA VAL A 416 0.09 -2.35 -8.77
C VAL A 416 -0.96 -2.92 -7.81
N GLN A 417 -0.49 -3.46 -6.70
CA GLN A 417 -1.33 -4.05 -5.63
C GLN A 417 -0.94 -3.44 -4.28
N THR A 418 -1.74 -3.70 -3.27
CA THR A 418 -1.52 -3.22 -1.90
C THR A 418 -1.01 -4.39 -1.05
N ALA A 419 0.13 -4.22 -0.42
CA ALA A 419 0.80 -5.29 0.34
C ALA A 419 0.03 -5.47 1.66
N PHE A 420 0.20 -4.61 2.64
CA PHE A 420 -0.47 -4.72 3.94
C PHE A 420 -0.54 -3.32 4.52
N GLU A 421 -1.56 -3.07 5.31
CA GLU A 421 -1.73 -1.80 6.04
C GLU A 421 -0.68 -1.69 7.13
N PHE A 422 -0.26 -0.46 7.41
CA PHE A 422 0.67 -0.12 8.50
C PHE A 422 0.28 1.27 8.99
#